data_7X4Q
#
_entry.id   7X4Q
#
_cell.length_a   65.584
_cell.length_b   74.719
_cell.length_c   80.343
_cell.angle_alpha   90.000
_cell.angle_beta   98.227
_cell.angle_gamma   90.000
#
_symmetry.space_group_name_H-M   'P 1 21 1'
#
loop_
_entity.id
_entity.type
_entity.pdbx_description
1 polymer 'Cyclic dipyrimidine nucleotide synthase'
2 non-polymer "URIDINE 5'-TRIPHOSPHATE"
3 non-polymer 'MAGNESIUM ION'
4 water water
#
_entity_poly.entity_id   1
_entity_poly.type   'polypeptide(L)'
_entity_poly.pdbx_seq_one_letter_code
;MSIDWEQTFRKWSKPSSETESTKAENAERMIKAAINSSQILSTKDISVFPQGSYRNNTNVREDSDVDICVCLNTLVLSDY
SLVPGMNDKLAELRTASYTYKQFKSDLETALKNKFGTLGVSRGDKAFDVHANSYRVDADVVPAIQGRLYYDKNHNAFIRG
TCIKPDSGGTIYNWPEQNYSNGVNKNKSTGNRFKLIVRAIKRLRNHLAEKGYNTAKPIPSYLMECLVYIVPDQYFTGDSY
KTNVENCINYLYNQIDSSDWTEINEIKYLFGSHQMWNKTQVKEFLLTAWSYIQKNLEHHHHHH
;
_entity_poly.pdbx_strand_id   A,B
#
loop_
_chem_comp.id
_chem_comp.type
_chem_comp.name
_chem_comp.formula
MG non-polymer 'MAGNESIUM ION' 'Mg 2'
UTP non-polymer 'URIDINE 5'-TRIPHOSPHATE' 'C9 H15 N2 O15 P3'
#
# COMPACT_ATOMS: atom_id res chain seq x y z
N SER A 2 22.43 27.94 -25.65
CA SER A 2 21.05 28.36 -25.60
C SER A 2 20.08 27.18 -25.59
N ILE A 3 20.07 26.43 -24.48
CA ILE A 3 19.14 25.34 -24.30
C ILE A 3 17.77 25.89 -23.93
N ASP A 4 16.73 25.39 -24.60
CA ASP A 4 15.36 25.65 -24.16
C ASP A 4 15.09 24.72 -22.97
N TRP A 5 15.28 25.22 -21.76
CA TRP A 5 15.25 24.34 -20.61
C TRP A 5 13.84 23.88 -20.26
N GLU A 6 12.82 24.67 -20.61
CA GLU A 6 11.45 24.22 -20.36
C GLU A 6 11.13 23.00 -21.20
N GLN A 7 11.43 23.06 -22.50
CA GLN A 7 11.16 21.93 -23.37
C GLN A 7 12.10 20.77 -23.06
N THR A 8 13.34 21.07 -22.70
CA THR A 8 14.29 20.02 -22.34
C THR A 8 13.84 19.26 -21.10
N PHE A 9 13.42 19.98 -20.05
CA PHE A 9 12.98 19.31 -18.83
C PHE A 9 11.67 18.55 -19.06
N ARG A 10 10.77 19.10 -19.88
CA ARG A 10 9.58 18.32 -20.23
C ARG A 10 9.94 17.03 -20.94
N LYS A 11 10.89 17.08 -21.88
CA LYS A 11 11.32 15.86 -22.56
C LYS A 11 11.99 14.90 -21.59
N TRP A 12 12.85 15.42 -20.70
CA TRP A 12 13.58 14.59 -19.76
C TRP A 12 12.70 14.08 -18.62
N SER A 13 11.45 14.53 -18.53
CA SER A 13 10.55 14.04 -17.49
C SER A 13 9.91 12.71 -17.86
N LYS A 14 10.10 12.23 -19.09
CA LYS A 14 9.45 11.01 -19.53
C LYS A 14 10.08 9.77 -18.89
N PRO A 15 9.35 8.65 -18.86
CA PRO A 15 9.95 7.37 -18.46
C PRO A 15 11.05 6.98 -19.44
N SER A 16 11.82 5.95 -19.07
CA SER A 16 12.87 5.49 -19.97
C SER A 16 12.27 4.93 -21.26
N SER A 17 11.05 4.42 -21.20
CA SER A 17 10.35 3.88 -22.36
C SER A 17 8.89 3.69 -21.97
N GLU A 18 8.09 3.28 -22.95
CA GLU A 18 6.69 2.97 -22.69
C GLU A 18 6.48 1.53 -22.22
N THR A 19 7.53 0.71 -22.19
CA THR A 19 7.41 -0.70 -21.85
C THR A 19 8.18 -1.05 -20.58
N GLU A 20 8.31 -0.09 -19.65
CA GLU A 20 9.03 -0.36 -18.41
C GLU A 20 8.36 -1.44 -17.60
N SER A 21 7.04 -1.37 -17.49
CA SER A 21 6.28 -2.32 -16.69
C SER A 21 6.49 -3.75 -17.18
N THR A 22 6.62 -3.93 -18.50
CA THR A 22 6.82 -5.26 -19.06
C THR A 22 8.18 -5.82 -18.69
N LYS A 23 9.20 -4.97 -18.78
CA LYS A 23 10.55 -5.36 -18.39
C LYS A 23 10.60 -5.77 -16.92
N ALA A 24 9.97 -4.96 -16.04
CA ALA A 24 9.99 -5.27 -14.61
C ALA A 24 9.19 -6.52 -14.29
N GLU A 25 8.03 -6.68 -14.92
CA GLU A 25 7.23 -7.89 -14.73
C GLU A 25 8.02 -9.13 -15.14
N ASN A 26 8.72 -9.06 -16.27
CA ASN A 26 9.50 -10.19 -16.76
C ASN A 26 10.63 -10.54 -15.79
N ALA A 27 11.37 -9.52 -15.32
CA ALA A 27 12.44 -9.78 -14.38
C ALA A 27 11.91 -10.48 -13.13
N GLU A 28 10.82 -9.95 -12.56
CA GLU A 28 10.26 -10.53 -11.35
C GLU A 28 9.80 -11.96 -11.59
N ARG A 29 9.08 -12.19 -12.69
CA ARG A 29 8.59 -13.54 -12.98
C ARG A 29 9.73 -14.53 -13.13
N MET A 30 10.80 -14.13 -13.81
CA MET A 30 11.91 -15.06 -14.05
C MET A 30 12.71 -15.32 -12.78
N ILE A 31 12.88 -14.32 -11.90
CA ILE A 31 13.58 -14.59 -10.63
C ILE A 31 12.72 -15.52 -9.76
N LYS A 32 11.41 -15.27 -9.69
CA LYS A 32 10.56 -16.21 -8.97
C LYS A 32 10.69 -17.61 -9.53
N ALA A 33 10.76 -17.74 -10.87
CA ALA A 33 10.91 -19.07 -11.45
C ALA A 33 12.24 -19.70 -11.05
N ALA A 34 13.30 -18.90 -10.96
CA ALA A 34 14.57 -19.45 -10.50
C ALA A 34 14.45 -19.99 -9.07
N ILE A 35 13.75 -19.25 -8.20
CA ILE A 35 13.54 -19.73 -6.83
C ILE A 35 12.71 -21.02 -6.84
N ASN A 36 11.61 -21.03 -7.60
CA ASN A 36 10.72 -22.18 -7.58
C ASN A 36 11.44 -23.45 -8.04
N SER A 37 12.37 -23.31 -8.97
CA SER A 37 13.09 -24.47 -9.50
C SER A 37 14.21 -24.93 -8.59
N SER A 38 14.44 -24.25 -7.48
CA SER A 38 15.47 -24.65 -6.53
C SER A 38 14.84 -25.57 -5.49
N GLN A 39 15.42 -26.76 -5.32
CA GLN A 39 14.88 -27.68 -4.34
C GLN A 39 14.92 -27.06 -2.95
N ILE A 40 16.04 -26.44 -2.59
CA ILE A 40 16.16 -25.92 -1.24
C ILE A 40 15.35 -24.64 -1.07
N LEU A 41 15.42 -23.71 -2.01
CA LEU A 41 14.79 -22.42 -1.80
C LEU A 41 13.27 -22.48 -1.93
N SER A 42 12.75 -23.41 -2.74
CA SER A 42 11.30 -23.48 -2.92
C SER A 42 10.59 -23.91 -1.64
N THR A 43 11.31 -24.46 -0.66
CA THR A 43 10.69 -24.87 0.59
C THR A 43 10.76 -23.78 1.66
N LYS A 44 11.21 -22.58 1.31
CA LYS A 44 11.47 -21.52 2.28
C LYS A 44 10.45 -20.40 2.10
N ASP A 45 10.27 -19.62 3.17
CA ASP A 45 9.37 -18.46 3.16
C ASP A 45 10.13 -17.29 2.55
N ILE A 46 9.97 -17.11 1.24
CA ILE A 46 10.75 -16.15 0.46
C ILE A 46 9.82 -15.27 -0.35
N SER A 47 10.03 -13.96 -0.27
CA SER A 47 9.31 -12.98 -1.08
C SER A 47 10.23 -12.44 -2.15
N VAL A 48 9.74 -12.38 -3.39
CA VAL A 48 10.48 -11.83 -4.50
C VAL A 48 9.70 -10.61 -4.97
N PHE A 49 10.35 -9.44 -4.97
CA PHE A 49 9.59 -8.27 -5.35
C PHE A 49 10.47 -7.22 -6.03
N PRO A 50 9.90 -6.41 -6.90
CA PRO A 50 10.65 -5.31 -7.50
C PRO A 50 10.78 -4.14 -6.54
N GLN A 51 11.91 -3.46 -6.65
CA GLN A 51 12.18 -2.24 -5.91
C GLN A 51 12.91 -1.29 -6.86
N GLY A 52 13.48 -0.22 -6.31
CA GLY A 52 14.24 0.66 -7.20
C GLY A 52 13.37 1.44 -8.18
N SER A 53 14.03 2.00 -9.20
CA SER A 53 13.36 3.00 -10.04
C SER A 53 12.29 2.41 -10.97
N TYR A 54 12.37 1.12 -11.32
CA TYR A 54 11.27 0.55 -12.09
C TYR A 54 10.00 0.44 -11.24
N ARG A 55 10.14 0.02 -9.99
CA ARG A 55 8.97 -0.05 -9.12
C ARG A 55 8.43 1.34 -8.82
N ASN A 56 9.31 2.32 -8.62
CA ASN A 56 8.88 3.65 -8.23
C ASN A 56 8.61 4.57 -9.41
N ASN A 57 8.76 4.10 -10.65
CA ASN A 57 8.51 4.90 -11.85
C ASN A 57 9.38 6.15 -11.88
N THR A 58 10.65 6.00 -11.48
CA THR A 58 11.61 7.09 -11.54
C THR A 58 12.78 6.74 -12.44
N ASN A 59 12.66 5.65 -13.20
CA ASN A 59 13.72 5.22 -14.11
C ASN A 59 13.77 6.07 -15.37
N VAL A 60 14.98 6.39 -15.83
CA VAL A 60 15.13 7.19 -17.05
C VAL A 60 16.06 6.53 -18.06
N ARG A 61 16.81 5.51 -17.66
CA ARG A 61 17.71 4.83 -18.57
C ARG A 61 17.13 3.52 -19.05
N GLU A 62 17.10 3.33 -20.38
CA GLU A 62 16.61 2.07 -20.93
C GLU A 62 17.45 0.89 -20.47
N ASP A 63 18.74 1.10 -20.23
CA ASP A 63 19.63 0.02 -19.84
C ASP A 63 19.79 -0.09 -18.31
N SER A 64 18.90 0.52 -17.53
CA SER A 64 18.88 0.27 -16.09
C SER A 64 18.48 -1.17 -15.83
N ASP A 65 19.25 -1.86 -15.01
CA ASP A 65 18.84 -3.18 -14.54
C ASP A 65 17.60 -3.06 -13.65
N VAL A 66 16.70 -4.04 -13.73
CA VAL A 66 15.57 -4.08 -12.81
C VAL A 66 16.08 -4.53 -11.45
N ASP A 67 15.75 -3.78 -10.40
CA ASP A 67 16.17 -4.15 -9.05
C ASP A 67 15.14 -5.10 -8.44
N ILE A 68 15.57 -6.32 -8.13
CA ILE A 68 14.72 -7.35 -7.57
C ILE A 68 15.27 -7.71 -6.21
N CYS A 69 14.42 -7.68 -5.19
CA CYS A 69 14.78 -8.15 -3.86
C CYS A 69 14.24 -9.56 -3.66
N VAL A 70 15.10 -10.45 -3.18
CA VAL A 70 14.74 -11.81 -2.79
C VAL A 70 14.93 -11.90 -1.28
N CYS A 71 13.84 -11.89 -0.53
CA CYS A 71 13.86 -11.70 0.93
C CYS A 71 13.41 -12.98 1.63
N LEU A 72 14.31 -13.55 2.44
CA LEU A 72 14.02 -14.68 3.32
C LEU A 72 13.36 -14.13 4.58
N ASN A 73 12.03 -14.29 4.67
CA ASN A 73 11.23 -13.61 5.69
C ASN A 73 11.42 -14.18 7.08
N THR A 74 11.93 -15.41 7.19
CA THR A 74 12.02 -16.11 8.47
C THR A 74 13.34 -15.88 9.20
N LEU A 75 14.30 -15.20 8.59
CA LEU A 75 15.47 -14.68 9.31
C LEU A 75 15.22 -13.21 9.60
N VAL A 76 15.45 -12.79 10.84
CA VAL A 76 15.12 -11.43 11.27
C VAL A 76 16.37 -10.79 11.86
N LEU A 77 16.64 -9.55 11.48
CA LEU A 77 17.66 -8.76 12.15
C LEU A 77 17.01 -7.49 12.64
N SER A 78 17.14 -7.21 13.93
CA SER A 78 16.43 -6.10 14.57
C SER A 78 17.42 -5.06 15.08
N ASP A 79 17.05 -3.80 14.87
CA ASP A 79 17.78 -2.64 15.37
C ASP A 79 17.08 -2.14 16.63
N TYR A 80 17.72 -2.33 17.77
CA TYR A 80 17.17 -1.90 19.06
C TYR A 80 17.77 -0.59 19.54
N SER A 81 18.51 0.13 18.70
CA SER A 81 19.30 1.25 19.18
C SER A 81 18.46 2.42 19.71
N LEU A 82 17.19 2.52 19.35
CA LEU A 82 16.37 3.64 19.78
C LEU A 82 15.72 3.44 21.15
N VAL A 83 15.80 2.24 21.72
CA VAL A 83 15.05 1.89 22.92
C VAL A 83 16.05 1.62 24.05
N PRO A 84 16.04 2.40 25.13
CA PRO A 84 17.01 2.19 26.21
C PRO A 84 16.91 0.80 26.80
N GLY A 85 18.05 0.12 26.85
CA GLY A 85 18.19 -1.18 27.48
C GLY A 85 17.70 -2.35 26.67
N MET A 86 17.16 -2.13 25.47
CA MET A 86 16.61 -3.24 24.69
C MET A 86 17.71 -3.99 23.95
N ASN A 87 17.57 -5.31 23.91
CA ASN A 87 18.59 -6.17 23.29
C ASN A 87 17.99 -7.50 22.81
N ALA A 96 19.78 -19.10 14.25
CA ALA A 96 19.08 -20.11 13.47
C ALA A 96 20.06 -21.08 12.80
N SER A 97 19.52 -22.13 12.19
CA SER A 97 20.37 -23.06 11.47
C SER A 97 20.66 -22.59 10.05
N TYR A 98 19.63 -22.11 9.35
CA TYR A 98 19.81 -21.57 7.99
C TYR A 98 20.32 -20.14 8.08
N THR A 99 21.54 -19.91 7.61
CA THR A 99 22.18 -18.60 7.78
C THR A 99 21.97 -17.74 6.53
N TYR A 100 22.23 -16.44 6.69
CA TYR A 100 22.22 -15.56 5.53
C TYR A 100 23.23 -16.02 4.49
N LYS A 101 24.43 -16.44 4.93
CA LYS A 101 25.45 -16.86 3.97
C LYS A 101 24.99 -18.07 3.17
N GLN A 102 24.39 -19.06 3.83
CA GLN A 102 23.86 -20.22 3.12
C GLN A 102 22.76 -19.82 2.16
N PHE A 103 21.87 -18.92 2.60
CA PHE A 103 20.81 -18.42 1.74
C PHE A 103 21.39 -17.76 0.49
N LYS A 104 22.41 -16.92 0.66
CA LYS A 104 22.98 -16.21 -0.48
C LYS A 104 23.67 -17.17 -1.44
N SER A 105 24.37 -18.18 -0.91
CA SER A 105 24.99 -19.19 -1.74
C SER A 105 23.94 -20.02 -2.50
N ASP A 106 22.84 -20.40 -1.83
CA ASP A 106 21.78 -21.14 -2.50
C ASP A 106 21.10 -20.32 -3.56
N LEU A 107 20.94 -19.01 -3.32
CA LEU A 107 20.41 -18.12 -4.34
C LEU A 107 21.34 -18.02 -5.54
N GLU A 108 22.65 -17.90 -5.29
CA GLU A 108 23.62 -17.89 -6.39
C GLU A 108 23.48 -19.15 -7.23
N THR A 109 23.36 -20.31 -6.58
CA THR A 109 23.22 -21.56 -7.30
C THR A 109 21.92 -21.59 -8.10
N ALA A 110 20.82 -21.12 -7.51
CA ALA A 110 19.54 -21.12 -8.22
C ALA A 110 19.59 -20.22 -9.47
N LEU A 111 20.22 -19.04 -9.33
CA LEU A 111 20.32 -18.15 -10.48
C LEU A 111 21.24 -18.73 -11.56
N LYS A 112 22.36 -19.35 -11.17
CA LYS A 112 23.24 -19.96 -12.16
C LYS A 112 22.54 -21.12 -12.86
N ASN A 113 21.73 -21.88 -12.13
CA ASN A 113 21.00 -23.00 -12.72
C ASN A 113 19.96 -22.53 -13.73
N LYS A 114 19.23 -21.45 -13.43
CA LYS A 114 18.20 -21.05 -14.38
C LYS A 114 18.79 -20.29 -15.56
N PHE A 115 19.74 -19.39 -15.32
CA PHE A 115 20.21 -18.49 -16.36
C PHE A 115 21.57 -18.87 -16.93
N GLY A 116 22.25 -19.83 -16.33
CA GLY A 116 23.60 -20.16 -16.78
C GLY A 116 24.65 -19.35 -16.07
N THR A 117 25.84 -19.93 -15.91
CA THR A 117 26.89 -19.20 -15.23
C THR A 117 27.33 -17.97 -16.01
N LEU A 118 27.23 -18.01 -17.35
CA LEU A 118 27.62 -16.84 -18.13
C LEU A 118 26.69 -15.66 -17.87
N GLY A 119 25.50 -15.89 -17.32
CA GLY A 119 24.55 -14.84 -17.06
C GLY A 119 24.52 -14.30 -15.64
N VAL A 120 25.40 -14.76 -14.75
CA VAL A 120 25.32 -14.44 -13.32
C VAL A 120 26.69 -14.08 -12.77
N SER A 121 26.79 -12.95 -12.06
CA SER A 121 28.00 -12.63 -11.31
C SER A 121 27.61 -12.15 -9.91
N ARG A 122 28.45 -12.47 -8.94
CA ARG A 122 28.22 -12.12 -7.54
C ARG A 122 29.01 -10.87 -7.19
N GLY A 123 28.30 -9.82 -6.78
CA GLY A 123 28.92 -8.62 -6.26
C GLY A 123 29.00 -8.66 -4.74
N ASP A 124 29.38 -7.52 -4.16
CA ASP A 124 29.45 -7.46 -2.70
C ASP A 124 28.06 -7.57 -2.06
N LYS A 125 27.06 -6.96 -2.68
CA LYS A 125 25.69 -6.94 -2.16
C LYS A 125 24.70 -7.79 -2.93
N ALA A 126 24.76 -7.77 -4.26
CA ALA A 126 23.72 -8.33 -5.10
C ALA A 126 24.34 -9.22 -6.17
N PHE A 127 23.48 -9.92 -6.90
CA PHE A 127 23.87 -10.66 -8.08
C PHE A 127 23.50 -9.85 -9.31
N ASP A 128 24.41 -9.81 -10.27
CA ASP A 128 24.15 -9.24 -11.58
C ASP A 128 23.71 -10.35 -12.51
N VAL A 129 22.48 -10.25 -13.01
CA VAL A 129 21.89 -11.24 -13.89
C VAL A 129 21.69 -10.57 -15.24
N HIS A 130 22.34 -11.11 -16.26
CA HIS A 130 22.17 -10.64 -17.64
C HIS A 130 22.07 -11.90 -18.50
N ALA A 131 20.87 -12.18 -18.97
CA ALA A 131 20.56 -13.43 -19.67
C ALA A 131 19.69 -13.05 -20.86
N ASN A 132 20.35 -12.94 -22.01
CA ASN A 132 19.68 -12.63 -23.28
C ASN A 132 18.59 -13.66 -23.59
N SER A 133 18.76 -14.91 -23.16
CA SER A 133 17.77 -15.96 -23.45
C SER A 133 16.42 -15.71 -22.78
N TYR A 134 16.40 -15.06 -21.62
CA TYR A 134 15.15 -14.70 -20.98
C TYR A 134 14.92 -13.21 -21.07
N ARG A 135 15.83 -12.51 -21.74
CA ARG A 135 15.79 -11.06 -21.84
C ARG A 135 15.75 -10.41 -20.46
N VAL A 136 16.52 -10.97 -19.52
CA VAL A 136 16.55 -10.48 -18.13
C VAL A 136 17.84 -9.71 -17.90
N ASP A 137 17.71 -8.47 -17.39
CA ASP A 137 18.80 -7.66 -16.88
C ASP A 137 18.37 -7.14 -15.51
N ALA A 138 18.95 -7.71 -14.45
CA ALA A 138 18.43 -7.49 -13.11
C ALA A 138 19.56 -7.48 -12.11
N ASP A 139 19.41 -6.64 -11.09
CA ASP A 139 20.26 -6.65 -9.90
C ASP A 139 19.45 -7.30 -8.80
N VAL A 140 19.85 -8.50 -8.40
CA VAL A 140 19.04 -9.34 -7.53
C VAL A 140 19.72 -9.40 -6.17
N VAL A 141 19.12 -8.79 -5.16
CA VAL A 141 19.78 -8.68 -3.86
C VAL A 141 19.14 -9.66 -2.89
N PRO A 142 19.93 -10.48 -2.19
CA PRO A 142 19.37 -11.32 -1.13
C PRO A 142 19.23 -10.50 0.15
N ALA A 143 18.04 -10.55 0.74
CA ALA A 143 17.73 -9.78 1.94
C ALA A 143 17.04 -10.69 2.95
N ILE A 144 16.98 -10.22 4.19
CA ILE A 144 16.21 -10.85 5.24
C ILE A 144 15.30 -9.81 5.87
N GLN A 145 14.39 -10.24 6.75
CA GLN A 145 13.50 -9.28 7.39
C GLN A 145 14.29 -8.39 8.33
N GLY A 146 14.12 -7.07 8.20
CA GLY A 146 14.71 -6.12 9.13
C GLY A 146 13.63 -5.46 9.96
N ARG A 147 13.98 -5.10 11.20
CA ARG A 147 13.04 -4.42 12.07
C ARG A 147 13.72 -3.27 12.78
N LEU A 148 13.01 -2.17 12.91
CA LEU A 148 13.44 -1.05 13.73
C LEU A 148 12.45 -0.88 14.86
N TYR A 149 12.89 -1.10 16.10
CA TYR A 149 12.01 -0.95 17.26
C TYR A 149 11.98 0.50 17.72
N TYR A 150 10.78 0.99 18.06
CA TYR A 150 10.62 2.33 18.59
C TYR A 150 10.10 2.32 20.03
N ASP A 151 9.80 1.15 20.59
CA ASP A 151 9.43 0.98 21.99
C ASP A 151 9.81 -0.43 22.40
N LYS A 152 9.71 -0.72 23.70
CA LYS A 152 10.15 -2.02 24.19
C LYS A 152 9.15 -3.15 23.98
N ASN A 153 7.91 -2.84 23.60
CA ASN A 153 6.91 -3.87 23.40
C ASN A 153 7.18 -4.68 22.12
N HIS A 154 6.77 -5.96 22.13
CA HIS A 154 7.05 -6.86 21.00
C HIS A 154 6.47 -6.34 19.69
N ASN A 155 5.39 -5.56 19.73
CA ASN A 155 4.73 -5.09 18.51
C ASN A 155 5.23 -3.73 18.05
N ALA A 156 6.17 -3.12 18.77
CA ALA A 156 6.52 -1.72 18.51
C ALA A 156 7.71 -1.63 17.56
N PHE A 157 7.48 -2.06 16.33
CA PHE A 157 8.56 -1.98 15.35
C PHE A 157 7.99 -1.68 13.96
N ILE A 158 8.91 -1.22 13.11
CA ILE A 158 8.71 -1.01 11.68
C ILE A 158 9.47 -2.09 10.95
N ARG A 159 8.87 -2.62 9.88
CA ARG A 159 9.43 -3.74 9.15
C ARG A 159 10.02 -3.28 7.82
N GLY A 160 11.23 -3.74 7.55
CA GLY A 160 11.89 -3.49 6.28
C GLY A 160 12.73 -4.67 5.85
N THR A 161 13.79 -4.42 5.10
CA THR A 161 14.67 -5.49 4.67
C THR A 161 16.07 -5.21 5.20
N CYS A 162 16.88 -6.26 5.20
CA CYS A 162 18.24 -6.19 5.71
C CYS A 162 19.14 -6.92 4.74
N ILE A 163 20.27 -6.29 4.40
CA ILE A 163 21.29 -6.85 3.52
C ILE A 163 22.57 -6.99 4.31
N LYS A 164 23.27 -8.12 4.12
CA LYS A 164 24.54 -8.41 4.79
C LYS A 164 25.62 -8.59 3.73
N PRO A 165 26.34 -7.53 3.36
CA PRO A 165 27.29 -7.64 2.25
C PRO A 165 28.43 -8.62 2.55
N ASP A 166 29.03 -9.12 1.46
CA ASP A 166 30.15 -10.05 1.62
C ASP A 166 31.27 -9.42 2.44
N SER A 167 31.49 -8.11 2.27
CA SER A 167 32.57 -7.41 2.95
C SER A 167 32.26 -7.04 4.39
N GLY A 168 31.11 -7.43 4.91
CA GLY A 168 30.77 -7.19 6.30
C GLY A 168 29.76 -6.07 6.47
N GLY A 169 29.30 -5.92 7.70
CA GLY A 169 28.37 -4.85 8.01
C GLY A 169 26.91 -5.23 7.78
N THR A 170 26.04 -4.27 8.05
CA THR A 170 24.59 -4.44 7.93
C THR A 170 24.00 -3.24 7.24
N ILE A 171 23.12 -3.46 6.27
CA ILE A 171 22.38 -2.40 5.60
C ILE A 171 20.90 -2.61 5.84
N TYR A 172 20.19 -1.56 6.27
CA TYR A 172 18.74 -1.58 6.40
C TYR A 172 18.13 -0.86 5.20
N ASN A 173 17.12 -1.45 4.59
CA ASN A 173 16.38 -0.83 3.51
C ASN A 173 14.91 -0.80 3.89
N TRP A 174 14.18 0.10 3.26
CA TRP A 174 12.76 0.32 3.55
C TRP A 174 12.00 0.46 2.25
N PRO A 175 12.02 -0.60 1.41
CA PRO A 175 11.46 -0.45 0.06
C PRO A 175 9.96 -0.16 0.04
N GLU A 176 9.16 -0.80 0.90
CA GLU A 176 7.72 -0.53 0.87
C GLU A 176 7.44 0.91 1.30
N GLN A 177 8.18 1.39 2.29
CA GLN A 177 8.01 2.78 2.73
C GLN A 177 8.44 3.76 1.65
N ASN A 178 9.56 3.49 0.97
CA ASN A 178 9.96 4.32 -0.18
C ASN A 178 8.84 4.41 -1.20
N TYR A 179 8.30 3.24 -1.57
CA TYR A 179 7.28 3.21 -2.61
C TYR A 179 6.03 3.99 -2.21
N SER A 180 5.54 3.74 -0.99
CA SER A 180 4.30 4.36 -0.54
C SER A 180 4.46 5.88 -0.42
N ASN A 181 5.55 6.34 0.20
CA ASN A 181 5.74 7.79 0.31
C ASN A 181 5.92 8.44 -1.06
N GLY A 182 6.61 7.76 -1.99
CA GLY A 182 6.72 8.32 -3.34
C GLY A 182 5.37 8.43 -4.05
N VAL A 183 4.54 7.42 -3.91
CA VAL A 183 3.21 7.45 -4.48
C VAL A 183 2.40 8.60 -3.90
N ASN A 184 2.47 8.77 -2.58
CA ASN A 184 1.69 9.81 -1.91
C ASN A 184 2.15 11.19 -2.34
N LYS A 185 3.47 11.41 -2.43
CA LYS A 185 3.93 12.73 -2.86
C LYS A 185 3.58 12.97 -4.32
N ASN A 186 3.63 11.94 -5.17
CA ASN A 186 3.19 12.14 -6.54
C ASN A 186 1.71 12.52 -6.59
N LYS A 187 0.89 11.93 -5.72
CA LYS A 187 -0.52 12.32 -5.66
C LYS A 187 -0.68 13.77 -5.22
N SER A 188 0.04 14.17 -4.16
CA SER A 188 -0.10 15.53 -3.61
C SER A 188 0.38 16.62 -4.56
N THR A 189 1.24 16.27 -5.51
CA THR A 189 1.79 17.23 -6.47
C THR A 189 1.21 17.05 -7.87
N GLY A 190 0.12 16.30 -7.99
CA GLY A 190 -0.49 16.10 -9.30
C GLY A 190 0.46 15.52 -10.31
N ASN A 191 1.28 14.56 -9.89
CA ASN A 191 2.26 13.80 -10.67
C ASN A 191 3.53 14.59 -10.96
N ARG A 192 3.66 15.84 -10.51
CA ARG A 192 4.84 16.61 -10.88
C ARG A 192 6.08 16.09 -10.17
N PHE A 193 5.91 15.48 -8.99
CA PHE A 193 7.06 15.02 -8.21
C PHE A 193 7.94 14.07 -9.03
N LYS A 194 7.37 12.97 -9.52
CA LYS A 194 8.23 11.99 -10.22
C LYS A 194 8.69 12.48 -11.58
N LEU A 195 7.88 13.32 -12.24
CA LEU A 195 8.33 14.00 -13.46
C LEU A 195 9.62 14.76 -13.20
N ILE A 196 9.67 15.50 -12.08
CA ILE A 196 10.85 16.30 -11.79
C ILE A 196 12.00 15.42 -11.30
N VAL A 197 11.71 14.33 -10.58
CA VAL A 197 12.78 13.38 -10.25
C VAL A 197 13.45 12.91 -11.53
N ARG A 198 12.65 12.51 -12.52
CA ARG A 198 13.22 11.99 -13.77
C ARG A 198 13.96 13.07 -14.54
N ALA A 199 13.40 14.29 -14.57
CA ALA A 199 14.09 15.39 -15.22
C ALA A 199 15.46 15.64 -14.59
N ILE A 200 15.53 15.63 -13.25
CA ILE A 200 16.79 15.91 -12.58
C ILE A 200 17.76 14.74 -12.71
N LYS A 201 17.26 13.51 -12.75
CA LYS A 201 18.16 12.36 -12.99
C LYS A 201 18.77 12.44 -14.39
N ARG A 202 17.98 12.82 -15.39
CA ARG A 202 18.56 13.01 -16.72
C ARG A 202 19.53 14.19 -16.75
N LEU A 203 19.23 15.28 -16.02
CA LEU A 203 20.18 16.39 -15.95
C LEU A 203 21.51 15.94 -15.37
N ARG A 204 21.46 15.16 -14.29
CA ARG A 204 22.68 14.62 -13.70
C ARG A 204 23.43 13.74 -14.69
N ASN A 205 22.73 12.83 -15.37
CA ASN A 205 23.39 11.96 -16.34
C ASN A 205 24.02 12.78 -17.47
N HIS A 206 23.31 13.83 -17.92
CA HIS A 206 23.84 14.73 -18.95
C HIS A 206 25.14 15.38 -18.49
N LEU A 207 25.15 15.93 -17.27
CA LEU A 207 26.35 16.56 -16.76
C LEU A 207 27.49 15.56 -16.59
N ALA A 208 27.18 14.35 -16.11
CA ALA A 208 28.22 13.35 -15.93
C ALA A 208 28.81 12.93 -17.27
N GLU A 209 27.97 12.82 -18.30
CA GLU A 209 28.47 12.46 -19.62
C GLU A 209 29.30 13.57 -20.24
N LYS A 210 29.01 14.82 -19.91
CA LYS A 210 29.78 15.96 -20.38
C LYS A 210 31.08 16.16 -19.61
N GLY A 211 31.39 15.32 -18.64
CA GLY A 211 32.65 15.41 -17.93
C GLY A 211 32.63 16.25 -16.67
N TYR A 212 31.46 16.66 -16.17
CA TYR A 212 31.39 17.40 -14.91
C TYR A 212 31.62 16.45 -13.75
N ASN A 213 32.77 16.58 -13.08
CA ASN A 213 33.12 15.64 -12.02
C ASN A 213 32.21 15.75 -10.80
N THR A 214 31.57 16.91 -10.59
CA THR A 214 30.67 17.03 -9.44
C THR A 214 29.42 16.18 -9.61
N ALA A 215 29.09 15.79 -10.84
CA ALA A 215 27.90 14.98 -11.08
C ALA A 215 28.16 13.49 -10.90
N LYS A 216 29.41 13.08 -10.93
CA LYS A 216 29.71 11.66 -10.90
C LYS A 216 29.36 10.98 -9.58
N PRO A 217 29.64 11.59 -8.40
CA PRO A 217 29.32 10.88 -7.16
C PRO A 217 27.89 11.08 -6.67
N ILE A 218 26.98 11.48 -7.55
CA ILE A 218 25.60 11.74 -7.15
C ILE A 218 24.72 10.61 -7.69
N PRO A 219 24.37 9.61 -6.89
CA PRO A 219 23.60 8.46 -7.40
C PRO A 219 22.12 8.77 -7.55
N SER A 220 21.45 7.93 -8.35
CA SER A 220 20.03 8.08 -8.62
C SER A 220 19.20 8.18 -7.34
N TYR A 221 19.39 7.22 -6.42
CA TYR A 221 18.52 7.15 -5.25
C TYR A 221 18.68 8.39 -4.38
N LEU A 222 19.90 8.91 -4.31
CA LEU A 222 20.13 10.15 -3.57
C LEU A 222 19.32 11.30 -4.16
N MET A 223 19.27 11.40 -5.49
CA MET A 223 18.51 12.47 -6.11
C MET A 223 17.02 12.29 -5.87
N GLU A 224 16.53 11.05 -5.93
CA GLU A 224 15.12 10.80 -5.63
C GLU A 224 14.78 11.24 -4.20
N CYS A 225 15.66 10.91 -3.24
CA CYS A 225 15.44 11.34 -1.86
C CYS A 225 15.45 12.87 -1.75
N LEU A 226 16.40 13.51 -2.42
CA LEU A 226 16.55 14.96 -2.32
C LEU A 226 15.34 15.67 -2.90
N VAL A 227 14.86 15.23 -4.07
CA VAL A 227 13.69 15.86 -4.65
C VAL A 227 12.46 15.62 -3.77
N TYR A 228 12.35 14.43 -3.16
CA TYR A 228 11.25 14.16 -2.25
C TYR A 228 11.22 15.14 -1.09
N ILE A 229 12.40 15.54 -0.62
CA ILE A 229 12.49 16.47 0.51
C ILE A 229 11.90 17.84 0.20
N VAL A 230 11.95 18.25 -1.06
CA VAL A 230 11.48 19.60 -1.42
C VAL A 230 9.98 19.70 -1.17
N PRO A 231 9.50 20.76 -0.50
CA PRO A 231 8.07 20.87 -0.18
C PRO A 231 7.19 20.94 -1.43
N ASP A 232 5.95 20.45 -1.26
CA ASP A 232 5.04 20.32 -2.40
C ASP A 232 4.80 21.64 -3.12
N GLN A 233 4.81 22.76 -2.40
CA GLN A 233 4.49 24.05 -3.02
C GLN A 233 5.44 24.36 -4.18
N TYR A 234 6.67 23.83 -4.13
CA TYR A 234 7.62 24.15 -5.18
C TYR A 234 7.39 23.36 -6.47
N PHE A 235 6.42 22.44 -6.47
CA PHE A 235 6.11 21.67 -7.67
C PHE A 235 4.88 22.20 -8.42
N THR A 236 4.28 23.30 -7.95
CA THR A 236 3.09 23.85 -8.59
C THR A 236 3.47 24.63 -9.85
N GLY A 237 2.46 24.96 -10.64
CA GLY A 237 2.65 25.80 -11.81
C GLY A 237 2.77 24.99 -13.08
N ASP A 238 3.02 25.70 -14.18
CA ASP A 238 3.10 25.11 -15.51
C ASP A 238 4.51 25.15 -16.09
N SER A 239 5.53 25.45 -15.27
CA SER A 239 6.92 25.53 -15.74
C SER A 239 7.76 24.48 -15.03
N TYR A 240 8.20 23.46 -15.78
CA TYR A 240 9.09 22.47 -15.22
C TYR A 240 10.45 23.10 -14.87
N LYS A 241 10.90 24.06 -15.67
CA LYS A 241 12.16 24.73 -15.37
C LYS A 241 12.10 25.43 -14.01
N THR A 242 10.99 26.12 -13.74
CA THR A 242 10.83 26.74 -12.42
C THR A 242 10.82 25.69 -11.33
N ASN A 243 10.19 24.54 -11.56
CA ASN A 243 10.20 23.46 -10.57
C ASN A 243 11.63 23.02 -10.25
N VAL A 244 12.42 22.76 -11.29
CA VAL A 244 13.79 22.30 -11.09
C VAL A 244 14.62 23.36 -10.34
N GLU A 245 14.51 24.61 -10.78
CA GLU A 245 15.20 25.70 -10.09
C GLU A 245 14.78 25.79 -8.63
N ASN A 246 13.46 25.68 -8.35
CA ASN A 246 12.98 25.69 -6.98
C ASN A 246 13.63 24.59 -6.17
N CYS A 247 13.72 23.40 -6.76
CA CYS A 247 14.34 22.27 -6.06
C CYS A 247 15.79 22.58 -5.70
N ILE A 248 16.57 23.04 -6.70
CA ILE A 248 17.98 23.34 -6.46
C ILE A 248 18.12 24.43 -5.39
N ASN A 249 17.31 25.49 -5.51
CA ASN A 249 17.35 26.60 -4.57
C ASN A 249 17.05 26.14 -3.15
N TYR A 250 15.91 25.45 -2.96
CA TYR A 250 15.54 24.97 -1.63
C TYR A 250 16.62 24.09 -1.05
N LEU A 251 17.07 23.11 -1.82
CA LEU A 251 18.02 22.15 -1.30
C LEU A 251 19.34 22.82 -0.95
N TYR A 252 19.82 23.74 -1.79
CA TYR A 252 21.10 24.38 -1.52
C TYR A 252 21.03 25.20 -0.26
N ASN A 253 19.93 25.94 -0.07
CA ASN A 253 19.82 26.85 1.07
C ASN A 253 19.39 26.16 2.36
N GLN A 254 18.90 24.92 2.31
CA GLN A 254 18.48 24.25 3.55
C GLN A 254 19.41 23.12 3.98
N ILE A 255 20.33 22.66 3.12
CA ILE A 255 21.02 21.41 3.41
C ILE A 255 21.97 21.53 4.61
N ASP A 256 22.59 22.71 4.82
CA ASP A 256 23.59 22.82 5.88
C ASP A 256 23.00 22.56 7.25
N SER A 257 21.85 23.14 7.55
CA SER A 257 21.27 22.97 8.88
C SER A 257 20.29 21.80 8.95
N SER A 258 20.17 21.03 7.88
CA SER A 258 19.16 19.99 7.79
C SER A 258 19.59 18.74 8.53
N ASP A 259 18.58 17.96 8.96
CA ASP A 259 18.77 16.57 9.37
C ASP A 259 17.71 15.73 8.66
N TRP A 260 17.89 15.61 7.35
CA TRP A 260 16.92 15.01 6.46
C TRP A 260 16.98 13.50 6.51
N THR A 261 15.86 12.88 6.17
CA THR A 261 15.79 11.43 6.01
C THR A 261 15.70 11.11 4.52
N GLU A 262 15.89 9.82 4.23
CA GLU A 262 15.54 9.26 2.93
C GLU A 262 14.05 9.34 2.66
N ILE A 263 13.63 8.92 1.46
CA ILE A 263 12.22 9.05 1.11
C ILE A 263 11.34 8.20 2.03
N ASN A 264 11.90 7.13 2.62
CA ASN A 264 11.14 6.34 3.58
C ASN A 264 10.81 7.08 4.86
N GLU A 265 11.50 8.19 5.13
CA GLU A 265 11.36 8.99 6.34
C GLU A 265 11.71 8.18 7.59
N ILE A 266 12.62 7.22 7.45
CA ILE A 266 13.12 6.40 8.56
C ILE A 266 14.62 6.57 8.73
N LYS A 267 15.37 6.38 7.64
CA LYS A 267 16.82 6.37 7.61
C LYS A 267 17.34 7.76 7.31
N TYR A 268 18.35 8.21 8.06
CA TYR A 268 18.93 9.53 7.83
C TYR A 268 19.62 9.59 6.49
N LEU A 269 19.46 10.71 5.78
CA LEU A 269 20.02 10.79 4.43
C LEU A 269 21.55 10.94 4.46
N PHE A 270 22.09 11.56 5.51
CA PHE A 270 23.53 11.76 5.60
C PHE A 270 24.06 11.12 6.88
N GLY A 271 25.34 10.74 6.85
CA GLY A 271 25.97 10.08 7.99
C GLY A 271 26.96 9.02 7.56
N SER A 272 27.62 8.38 8.52
CA SER A 272 28.67 7.42 8.19
C SER A 272 28.15 6.16 7.50
N HIS A 273 26.84 5.92 7.55
CA HIS A 273 26.24 4.77 6.89
C HIS A 273 26.00 4.99 5.40
N GLN A 274 26.29 6.18 4.88
CA GLN A 274 26.02 6.52 3.49
C GLN A 274 27.32 6.74 2.74
N MET A 275 27.26 6.55 1.43
CA MET A 275 28.45 6.76 0.63
C MET A 275 28.55 8.18 0.10
N TRP A 276 27.53 9.01 0.30
CA TRP A 276 27.52 10.40 -0.14
C TRP A 276 27.56 11.33 1.07
N ASN A 277 27.90 12.59 0.81
CA ASN A 277 27.93 13.58 1.88
C ASN A 277 27.39 14.90 1.37
N LYS A 278 27.14 15.82 2.30
CA LYS A 278 26.53 17.11 1.96
C LYS A 278 27.41 17.94 1.05
N THR A 279 28.74 17.84 1.20
CA THR A 279 29.63 18.65 0.37
C THR A 279 29.48 18.28 -1.09
N GLN A 280 29.44 16.98 -1.39
CA GLN A 280 29.21 16.53 -2.75
C GLN A 280 27.89 17.06 -3.29
N VAL A 281 26.84 17.00 -2.48
CA VAL A 281 25.53 17.46 -2.94
C VAL A 281 25.56 18.94 -3.27
N LYS A 282 26.15 19.75 -2.39
CA LYS A 282 26.22 21.20 -2.63
C LYS A 282 27.03 21.53 -3.88
N GLU A 283 28.15 20.84 -4.08
CA GLU A 283 28.94 21.10 -5.28
C GLU A 283 28.15 20.74 -6.55
N PHE A 284 27.42 19.62 -6.52
CA PHE A 284 26.58 19.28 -7.66
C PHE A 284 25.47 20.30 -7.88
N LEU A 285 24.84 20.76 -6.79
CA LEU A 285 23.77 21.75 -6.93
C LEU A 285 24.29 23.03 -7.57
N LEU A 286 25.50 23.46 -7.18
CA LEU A 286 26.09 24.65 -7.78
C LEU A 286 26.37 24.45 -9.25
N THR A 287 26.91 23.28 -9.61
CA THR A 287 27.14 22.97 -11.02
C THR A 287 25.85 23.02 -11.82
N ALA A 288 24.82 22.34 -11.33
CA ALA A 288 23.55 22.29 -12.05
C ALA A 288 22.94 23.68 -12.18
N TRP A 289 23.01 24.48 -11.10
CA TRP A 289 22.48 25.84 -11.14
C TRP A 289 23.17 26.68 -12.21
N SER A 290 24.50 26.60 -12.30
CA SER A 290 25.21 27.36 -13.34
C SER A 290 24.88 26.85 -14.73
N TYR A 291 24.84 25.53 -14.91
CA TYR A 291 24.68 24.97 -16.24
C TYR A 291 23.33 25.36 -16.84
N ILE A 292 22.31 25.54 -16.00
CA ILE A 292 20.95 25.80 -16.47
C ILE A 292 20.75 27.25 -16.90
N GLN A 293 21.69 28.11 -16.61
CA GLN A 293 21.46 29.50 -16.93
C GLN A 293 21.96 29.83 -18.33
N LYS A 294 21.41 30.92 -18.86
CA LYS A 294 21.70 31.41 -20.20
C LYS A 294 22.58 32.65 -20.09
N ASN A 295 23.58 32.72 -20.97
CA ASN A 295 24.46 33.89 -21.07
C ASN A 295 25.14 34.23 -19.74
N LEU A 296 25.61 33.19 -19.04
CA LEU A 296 26.47 33.41 -17.88
C LEU A 296 27.87 33.76 -18.37
N GLU A 297 28.41 34.86 -17.88
CA GLU A 297 29.73 35.29 -18.30
C GLU A 297 30.83 34.84 -17.35
N HIS A 298 30.51 34.34 -16.16
CA HIS A 298 31.52 34.04 -15.16
C HIS A 298 31.51 32.58 -14.72
N HIS A 299 32.66 32.18 -14.18
CA HIS A 299 32.99 30.80 -13.89
C HIS A 299 33.82 30.74 -12.62
N HIS A 300 33.54 29.75 -11.77
CA HIS A 300 34.36 29.52 -10.59
C HIS A 300 34.78 28.05 -10.49
N ILE B 3 -10.90 -10.93 -24.87
CA ILE B 3 -10.26 -11.09 -23.57
C ILE B 3 -10.31 -12.56 -23.14
N ASP B 4 -9.17 -13.08 -22.68
CA ASP B 4 -9.12 -14.39 -22.01
C ASP B 4 -9.58 -14.17 -20.57
N TRP B 5 -10.86 -14.47 -20.32
CA TRP B 5 -11.44 -14.12 -19.03
C TRP B 5 -10.97 -15.05 -17.92
N GLU B 6 -10.60 -16.29 -18.25
CA GLU B 6 -10.09 -17.17 -17.21
C GLU B 6 -8.77 -16.63 -16.66
N GLN B 7 -7.86 -16.26 -17.55
CA GLN B 7 -6.58 -15.71 -17.10
C GLN B 7 -6.75 -14.32 -16.49
N THR B 8 -7.68 -13.50 -17.03
CA THR B 8 -7.91 -12.19 -16.44
C THR B 8 -8.45 -12.30 -15.01
N PHE B 9 -9.45 -13.16 -14.80
CA PHE B 9 -10.00 -13.30 -13.46
C PHE B 9 -9.00 -13.94 -12.50
N ARG B 10 -8.17 -14.86 -13.00
CA ARG B 10 -7.11 -15.39 -12.14
C ARG B 10 -6.14 -14.28 -11.73
N LYS B 11 -5.76 -13.42 -12.67
CA LYS B 11 -4.91 -12.28 -12.32
C LYS B 11 -5.62 -11.34 -11.35
N TRP B 12 -6.90 -11.07 -11.59
CA TRP B 12 -7.66 -10.14 -10.77
C TRP B 12 -8.06 -10.71 -9.43
N SER B 13 -7.81 -12.00 -9.19
CA SER B 13 -8.10 -12.63 -7.90
C SER B 13 -7.01 -12.39 -6.86
N LYS B 14 -5.88 -11.82 -7.25
CA LYS B 14 -4.79 -11.62 -6.33
C LYS B 14 -5.10 -10.50 -5.32
N PRO B 15 -4.43 -10.51 -4.17
CA PRO B 15 -4.52 -9.36 -3.25
C PRO B 15 -3.93 -8.10 -3.87
N SER B 16 -4.15 -6.95 -3.22
CA SER B 16 -3.61 -5.72 -3.78
C SER B 16 -2.08 -5.77 -3.83
N SER B 17 -1.46 -6.52 -2.93
CA SER B 17 -0.01 -6.68 -2.86
C SER B 17 0.25 -7.87 -1.95
N GLU B 18 1.52 -8.24 -1.84
CA GLU B 18 1.91 -9.31 -0.93
C GLU B 18 2.17 -8.82 0.49
N THR B 19 2.09 -7.51 0.73
CA THR B 19 2.42 -6.94 2.04
C THR B 19 1.23 -6.24 2.70
N GLU B 20 0.00 -6.71 2.42
CA GLU B 20 -1.19 -6.06 2.97
C GLU B 20 -1.20 -6.11 4.50
N SER B 21 -0.86 -7.27 5.07
CA SER B 21 -0.84 -7.42 6.51
C SER B 21 0.14 -6.43 7.16
N THR B 22 1.27 -6.18 6.52
CA THR B 22 2.23 -5.25 7.11
C THR B 22 1.70 -3.82 7.07
N LYS B 23 1.09 -3.43 5.95
CA LYS B 23 0.47 -2.11 5.85
C LYS B 23 -0.61 -1.93 6.91
N ALA B 24 -1.47 -2.94 7.08
CA ALA B 24 -2.53 -2.83 8.07
C ALA B 24 -1.97 -2.81 9.48
N GLU B 25 -0.97 -3.66 9.78
CA GLU B 25 -0.36 -3.64 11.11
C GLU B 25 0.27 -2.29 11.41
N ASN B 26 0.96 -1.69 10.44
CA ASN B 26 1.56 -0.39 10.68
C ASN B 26 0.51 0.66 10.98
N ALA B 27 -0.57 0.68 10.19
CA ALA B 27 -1.64 1.64 10.46
C ALA B 27 -2.17 1.45 11.88
N GLU B 28 -2.43 0.20 12.24
CA GLU B 28 -2.95 -0.09 13.58
C GLU B 28 -1.98 0.36 14.66
N ARG B 29 -0.69 0.01 14.52
CA ARG B 29 0.29 0.38 15.54
C ARG B 29 0.39 1.90 15.69
N MET B 30 0.38 2.64 14.58
CA MET B 30 0.57 4.08 14.68
C MET B 30 -0.64 4.76 15.30
N ILE B 31 -1.86 4.29 14.97
CA ILE B 31 -3.05 4.83 15.61
C ILE B 31 -3.03 4.53 17.11
N LYS B 32 -2.65 3.29 17.46
CA LYS B 32 -2.52 2.91 18.85
C LYS B 32 -1.53 3.80 19.59
N ALA B 33 -0.42 4.16 18.94
CA ALA B 33 0.55 5.07 19.54
C ALA B 33 -0.05 6.46 19.76
N ALA B 34 -0.86 6.95 18.81
CA ALA B 34 -1.52 8.23 19.03
C ALA B 34 -2.46 8.16 20.23
N ILE B 35 -3.20 7.07 20.37
CA ILE B 35 -4.08 6.90 21.52
C ILE B 35 -3.27 6.89 22.81
N ASN B 36 -2.18 6.13 22.82
CA ASN B 36 -1.39 5.97 24.03
C ASN B 36 -0.79 7.29 24.50
N SER B 37 -0.48 8.20 23.57
CA SER B 37 0.11 9.50 23.91
C SER B 37 -0.91 10.53 24.36
N SER B 38 -2.20 10.21 24.34
CA SER B 38 -3.22 11.13 24.80
C SER B 38 -3.47 10.89 26.28
N GLN B 39 -3.36 11.96 27.07
CA GLN B 39 -3.58 11.81 28.51
C GLN B 39 -4.99 11.33 28.80
N ILE B 40 -5.97 11.89 28.09
CA ILE B 40 -7.35 11.51 28.37
C ILE B 40 -7.66 10.13 27.81
N LEU B 41 -7.23 9.84 26.58
CA LEU B 41 -7.63 8.59 25.93
C LEU B 41 -6.86 7.39 26.47
N SER B 42 -5.61 7.59 26.93
CA SER B 42 -4.86 6.47 27.49
C SER B 42 -5.47 5.95 28.79
N THR B 43 -6.37 6.70 29.42
CA THR B 43 -7.04 6.23 30.62
C THR B 43 -8.38 5.54 30.33
N LYS B 44 -8.69 5.31 29.06
CA LYS B 44 -9.98 4.77 28.65
C LYS B 44 -9.81 3.35 28.12
N ASP B 45 -10.91 2.59 28.15
CA ASP B 45 -10.96 1.23 27.62
C ASP B 45 -11.23 1.32 26.13
N ILE B 46 -10.17 1.30 25.32
CA ILE B 46 -10.28 1.53 23.89
C ILE B 46 -9.60 0.40 23.14
N SER B 47 -10.30 -0.16 22.14
CA SER B 47 -9.72 -1.14 21.23
C SER B 47 -9.43 -0.48 19.89
N VAL B 48 -8.23 -0.70 19.36
CA VAL B 48 -7.88 -0.19 18.03
C VAL B 48 -7.61 -1.40 17.15
N PHE B 49 -8.38 -1.55 16.08
CA PHE B 49 -8.20 -2.75 15.25
C PHE B 49 -8.53 -2.47 13.81
N PRO B 50 -7.95 -3.22 12.87
CA PRO B 50 -8.32 -3.02 11.48
C PRO B 50 -9.66 -3.67 11.20
N GLN B 51 -10.39 -3.05 10.27
CA GLN B 51 -11.62 -3.61 9.73
C GLN B 51 -11.56 -3.40 8.22
N GLY B 52 -12.68 -3.58 7.55
CA GLY B 52 -12.62 -3.35 6.12
C GLY B 52 -11.79 -4.40 5.37
N SER B 53 -11.44 -4.05 4.14
CA SER B 53 -10.93 -5.05 3.21
C SER B 53 -9.50 -5.49 3.54
N TYR B 54 -8.71 -4.67 4.25
CA TYR B 54 -7.40 -5.15 4.70
C TYR B 54 -7.56 -6.22 5.78
N ARG B 55 -8.50 -6.03 6.70
CA ARG B 55 -8.78 -7.06 7.70
C ARG B 55 -9.34 -8.32 7.04
N ASN B 56 -10.21 -8.16 6.06
CA ASN B 56 -10.93 -9.28 5.46
C ASN B 56 -10.19 -9.91 4.28
N ASN B 57 -9.03 -9.38 3.88
CA ASN B 57 -8.24 -9.95 2.75
C ASN B 57 -9.04 -9.87 1.45
N THR B 58 -9.79 -8.78 1.27
CA THR B 58 -10.58 -8.55 0.06
C THR B 58 -10.19 -7.27 -0.64
N ASN B 59 -9.09 -6.66 -0.23
CA ASN B 59 -8.62 -5.43 -0.84
C ASN B 59 -8.01 -5.71 -2.19
N VAL B 60 -8.24 -4.81 -3.15
CA VAL B 60 -7.65 -4.97 -4.48
C VAL B 60 -6.91 -3.72 -4.93
N ARG B 61 -7.10 -2.60 -4.23
CA ARG B 61 -6.38 -1.38 -4.60
C ARG B 61 -5.17 -1.17 -3.69
N GLU B 62 -4.01 -1.02 -4.31
CA GLU B 62 -2.78 -0.85 -3.57
C GLU B 62 -2.83 0.37 -2.67
N ASP B 63 -3.47 1.45 -3.13
CA ASP B 63 -3.55 2.68 -2.35
C ASP B 63 -4.87 2.83 -1.59
N SER B 64 -5.59 1.73 -1.32
CA SER B 64 -6.71 1.81 -0.39
C SER B 64 -6.20 2.27 0.97
N ASP B 65 -6.92 3.21 1.58
CA ASP B 65 -6.66 3.53 2.98
C ASP B 65 -7.00 2.34 3.86
N VAL B 66 -6.20 2.11 4.91
CA VAL B 66 -6.53 1.05 5.86
C VAL B 66 -7.65 1.54 6.75
N ASP B 67 -8.68 0.73 6.91
CA ASP B 67 -9.78 1.09 7.78
C ASP B 67 -9.45 0.65 9.20
N ILE B 68 -9.32 1.60 10.11
CA ILE B 68 -9.01 1.35 11.51
C ILE B 68 -10.19 1.81 12.34
N CYS B 69 -10.68 0.93 13.20
CA CYS B 69 -11.73 1.26 14.15
C CYS B 69 -11.08 1.57 15.49
N VAL B 70 -11.47 2.70 16.08
CA VAL B 70 -11.05 3.08 17.42
C VAL B 70 -12.33 3.05 18.25
N CYS B 71 -12.50 2.00 19.04
CA CYS B 71 -13.77 1.72 19.71
C CYS B 71 -13.62 1.95 21.20
N LEU B 72 -14.39 2.90 21.72
CA LEU B 72 -14.50 3.13 23.17
C LEU B 72 -15.48 2.09 23.73
N ASN B 73 -14.94 1.06 24.38
CA ASN B 73 -15.75 -0.10 24.75
C ASN B 73 -16.71 0.19 25.89
N THR B 74 -16.49 1.26 26.66
CA THR B 74 -17.29 1.53 27.85
C THR B 74 -18.50 2.41 27.56
N LEU B 75 -18.66 2.92 26.34
CA LEU B 75 -19.92 3.51 25.92
C LEU B 75 -20.68 2.47 25.10
N VAL B 76 -21.95 2.27 25.42
CA VAL B 76 -22.77 1.21 24.84
C VAL B 76 -24.03 1.83 24.24
N LEU B 77 -24.38 1.40 23.02
CA LEU B 77 -25.67 1.71 22.43
C LEU B 77 -26.32 0.41 21.99
N SER B 78 -27.55 0.16 22.44
CA SER B 78 -28.22 -1.12 22.23
C SER B 78 -29.43 -0.99 21.31
N ASP B 79 -29.61 -1.98 20.43
CA ASP B 79 -30.78 -2.12 19.59
C ASP B 79 -31.70 -3.14 20.28
N TYR B 80 -32.81 -2.66 20.83
CA TYR B 80 -33.78 -3.51 21.52
C TYR B 80 -34.99 -3.86 20.64
N SER B 81 -34.91 -3.58 19.33
CA SER B 81 -36.08 -3.69 18.47
C SER B 81 -36.56 -5.14 18.29
N LEU B 82 -35.71 -6.14 18.56
CA LEU B 82 -36.14 -7.52 18.35
C LEU B 82 -36.82 -8.13 19.57
N VAL B 83 -36.73 -7.48 20.72
CA VAL B 83 -37.21 -8.06 21.98
C VAL B 83 -38.33 -7.21 22.52
N PRO B 84 -39.57 -7.70 22.59
CA PRO B 84 -40.67 -6.90 23.11
C PRO B 84 -40.42 -6.49 24.55
N GLY B 85 -40.55 -5.18 24.81
CA GLY B 85 -40.40 -4.63 26.14
C GLY B 85 -38.98 -4.41 26.63
N MET B 86 -37.96 -4.72 25.82
CA MET B 86 -36.58 -4.59 26.27
C MET B 86 -36.15 -3.14 26.31
N ASN B 87 -35.37 -2.78 27.33
CA ASN B 87 -34.92 -1.40 27.55
C ASN B 87 -33.61 -1.41 28.35
N ASP B 88 -33.16 -0.21 28.74
CA ASP B 88 -31.81 -0.05 29.30
C ASP B 88 -31.70 -0.64 30.71
N LYS B 89 -32.73 -0.47 31.55
CA LYS B 89 -32.64 -0.96 32.92
C LYS B 89 -32.53 -2.49 32.95
N LEU B 90 -33.30 -3.17 32.10
CA LEU B 90 -33.24 -4.63 32.05
C LEU B 90 -31.90 -5.11 31.50
N ALA B 91 -31.27 -4.33 30.61
CA ALA B 91 -29.96 -4.66 30.09
C ALA B 91 -28.82 -4.19 31.00
N GLU B 92 -29.09 -3.23 31.88
CA GLU B 92 -28.10 -2.70 32.83
C GLU B 92 -26.90 -2.08 32.11
N SER B 97 -21.25 9.97 31.59
CA SER B 97 -20.78 11.36 31.57
C SER B 97 -19.90 11.65 30.35
N TYR B 98 -19.02 10.72 30.02
CA TYR B 98 -18.18 10.85 28.83
C TYR B 98 -19.00 10.51 27.59
N THR B 99 -19.18 11.48 26.71
CA THR B 99 -20.06 11.32 25.56
C THR B 99 -19.28 10.91 24.32
N TYR B 100 -20.04 10.48 23.30
CA TYR B 100 -19.44 10.19 22.02
C TYR B 100 -18.78 11.43 21.42
N LYS B 101 -19.43 12.59 21.54
CA LYS B 101 -18.87 13.80 20.95
C LYS B 101 -17.53 14.15 21.60
N GLN B 102 -17.45 14.04 22.93
CA GLN B 102 -16.19 14.29 23.61
C GLN B 102 -15.13 13.30 23.17
N PHE B 103 -15.51 12.03 23.03
CA PHE B 103 -14.58 10.99 22.56
C PHE B 103 -14.03 11.33 21.18
N LYS B 104 -14.92 11.72 20.25
CA LYS B 104 -14.49 12.01 18.89
C LYS B 104 -13.60 13.25 18.85
N SER B 105 -13.92 14.26 19.65
CA SER B 105 -13.07 15.44 19.73
C SER B 105 -11.68 15.10 20.29
N ASP B 106 -11.64 14.29 21.34
CA ASP B 106 -10.36 13.90 21.95
C ASP B 106 -9.55 13.04 21.00
N LEU B 107 -10.22 12.18 20.21
CA LEU B 107 -9.51 11.39 19.21
C LEU B 107 -8.95 12.29 18.12
N GLU B 108 -9.72 13.28 17.67
CA GLU B 108 -9.21 14.24 16.69
C GLU B 108 -7.93 14.91 17.21
N THR B 109 -7.95 15.33 18.48
CA THR B 109 -6.79 15.97 19.08
C THR B 109 -5.62 15.00 19.18
N ALA B 110 -5.88 13.74 19.57
CA ALA B 110 -4.78 12.77 19.66
C ALA B 110 -4.15 12.52 18.30
N LEU B 111 -4.98 12.39 17.27
CA LEU B 111 -4.49 12.18 15.91
C LEU B 111 -3.69 13.37 15.41
N LYS B 112 -4.19 14.58 15.68
CA LYS B 112 -3.46 15.78 15.25
C LYS B 112 -2.14 15.94 15.99
N ASN B 113 -2.12 15.62 17.29
CA ASN B 113 -0.89 15.75 18.07
C ASN B 113 0.17 14.80 17.54
N LYS B 114 -0.24 13.60 17.13
CA LYS B 114 0.81 12.70 16.62
C LYS B 114 1.16 13.01 15.16
N PHE B 115 0.17 13.27 14.32
CA PHE B 115 0.43 13.30 12.89
C PHE B 115 0.48 14.69 12.29
N GLY B 116 0.18 15.72 13.07
CA GLY B 116 0.13 17.06 12.52
C GLY B 116 -1.25 17.44 12.05
N THR B 117 -1.57 18.72 12.20
CA THR B 117 -2.87 19.22 11.76
C THR B 117 -3.09 18.94 10.29
N LEU B 118 -2.04 19.08 9.48
CA LEU B 118 -2.19 18.89 8.04
C LEU B 118 -2.39 17.42 7.68
N GLY B 119 -2.10 16.51 8.58
CA GLY B 119 -2.27 15.11 8.23
C GLY B 119 -3.59 14.50 8.64
N VAL B 120 -4.50 15.29 9.21
CA VAL B 120 -5.75 14.77 9.76
C VAL B 120 -6.90 15.61 9.26
N SER B 121 -7.94 14.96 8.73
CA SER B 121 -9.13 15.67 8.33
C SER B 121 -10.34 15.00 8.96
N ARG B 122 -11.27 15.80 9.47
CA ARG B 122 -12.44 15.26 10.15
C ARG B 122 -13.56 15.18 9.13
N GLY B 123 -14.02 13.96 8.84
CA GLY B 123 -15.20 13.77 8.02
C GLY B 123 -16.42 13.56 8.89
N ASP B 124 -17.54 13.33 8.21
CA ASP B 124 -18.81 13.16 8.93
C ASP B 124 -18.77 11.90 9.79
N LYS B 125 -18.17 10.83 9.29
CA LYS B 125 -18.07 9.55 10.00
C LYS B 125 -16.69 9.28 10.58
N ALA B 126 -15.62 9.52 9.83
CA ALA B 126 -14.29 9.09 10.22
C ALA B 126 -13.29 10.21 9.98
N PHE B 127 -12.07 10.00 10.49
CA PHE B 127 -10.93 10.85 10.22
C PHE B 127 -10.10 10.27 9.07
N ASP B 128 -9.70 11.13 8.16
CA ASP B 128 -8.80 10.79 7.05
C ASP B 128 -7.40 11.16 7.53
N VAL B 129 -6.54 10.16 7.71
CA VAL B 129 -5.20 10.37 8.26
C VAL B 129 -4.17 10.01 7.20
N HIS B 130 -3.32 10.97 6.84
CA HIS B 130 -2.26 10.76 5.86
C HIS B 130 -0.98 11.42 6.36
N ALA B 131 0.00 10.61 6.73
CA ALA B 131 1.25 11.09 7.33
C ALA B 131 2.39 10.22 6.84
N ASN B 132 3.13 10.71 5.83
CA ASN B 132 4.30 9.99 5.31
C ASN B 132 5.36 9.80 6.39
N SER B 133 5.44 10.70 7.37
CA SER B 133 6.43 10.53 8.44
C SER B 133 6.19 9.25 9.21
N TYR B 134 4.97 8.72 9.20
CA TYR B 134 4.66 7.44 9.83
C TYR B 134 4.16 6.39 8.85
N ARG B 135 4.17 6.68 7.54
CA ARG B 135 3.59 5.81 6.53
C ARG B 135 2.14 5.44 6.85
N VAL B 136 1.36 6.40 7.34
CA VAL B 136 -0.02 6.11 7.69
C VAL B 136 -0.92 6.69 6.61
N ASP B 137 -1.75 5.83 6.03
CA ASP B 137 -2.85 6.25 5.16
C ASP B 137 -4.05 5.43 5.65
N ALA B 138 -4.94 6.08 6.39
CA ALA B 138 -5.96 5.33 7.12
C ALA B 138 -7.24 6.13 7.26
N ASP B 139 -8.35 5.41 7.23
CA ASP B 139 -9.68 5.91 7.57
C ASP B 139 -9.95 5.42 8.99
N VAL B 140 -9.92 6.34 9.94
CA VAL B 140 -9.94 6.02 11.35
C VAL B 140 -11.29 6.45 11.89
N VAL B 141 -12.14 5.51 12.26
CA VAL B 141 -13.51 5.82 12.64
C VAL B 141 -13.64 5.69 14.15
N PRO B 142 -14.17 6.69 14.84
CA PRO B 142 -14.47 6.53 16.26
C PRO B 142 -15.80 5.80 16.43
N ALA B 143 -15.77 4.73 17.19
CA ALA B 143 -16.93 3.88 17.42
C ALA B 143 -17.07 3.67 18.91
N ILE B 144 -18.24 3.18 19.30
CA ILE B 144 -18.51 2.73 20.65
C ILE B 144 -19.04 1.31 20.56
N GLN B 145 -19.23 0.68 21.71
CA GLN B 145 -19.76 -0.68 21.72
C GLN B 145 -21.21 -0.64 21.26
N GLY B 146 -21.56 -1.51 20.32
CA GLY B 146 -22.93 -1.67 19.88
C GLY B 146 -23.42 -3.04 20.31
N ARG B 147 -24.71 -3.14 20.60
CA ARG B 147 -25.31 -4.41 20.99
C ARG B 147 -26.64 -4.60 20.29
N LEU B 148 -26.89 -5.83 19.86
CA LEU B 148 -28.20 -6.22 19.34
C LEU B 148 -28.73 -7.31 20.26
N TYR B 149 -29.82 -7.02 20.96
CA TYR B 149 -30.41 -8.00 21.87
C TYR B 149 -31.36 -8.92 21.12
N TYR B 150 -31.28 -10.21 21.44
CA TYR B 150 -32.17 -11.20 20.85
C TYR B 150 -33.05 -11.92 21.87
N ASP B 151 -32.88 -11.65 23.15
CA ASP B 151 -33.72 -12.21 24.19
C ASP B 151 -33.73 -11.25 25.37
N LYS B 152 -34.59 -11.52 26.36
CA LYS B 152 -34.72 -10.59 27.46
C LYS B 152 -33.59 -10.73 28.49
N ASN B 153 -32.74 -11.74 28.36
CA ASN B 153 -31.64 -11.90 29.29
C ASN B 153 -30.61 -10.80 29.07
N HIS B 154 -29.99 -10.34 30.17
CA HIS B 154 -29.04 -9.24 30.09
C HIS B 154 -27.79 -9.61 29.29
N ASN B 155 -27.47 -10.89 29.18
CA ASN B 155 -26.33 -11.35 28.40
C ASN B 155 -26.71 -11.78 26.98
N ALA B 156 -28.00 -11.71 26.62
CA ALA B 156 -28.49 -12.28 25.38
C ALA B 156 -28.41 -11.23 24.27
N PHE B 157 -27.17 -10.89 23.92
CA PHE B 157 -26.92 -9.91 22.86
C PHE B 157 -25.70 -10.28 22.03
N ILE B 158 -25.65 -9.72 20.82
CA ILE B 158 -24.52 -9.78 19.90
C ILE B 158 -23.81 -8.45 19.96
N ARG B 159 -22.49 -8.48 19.97
CA ARG B 159 -21.66 -7.29 20.18
C ARG B 159 -21.03 -6.84 18.87
N GLY B 160 -21.11 -5.55 18.58
CA GLY B 160 -20.48 -4.96 17.41
C GLY B 160 -20.04 -3.54 17.72
N THR B 161 -20.01 -2.70 16.69
CA THR B 161 -19.60 -1.32 16.86
C THR B 161 -20.72 -0.39 16.44
N CYS B 162 -20.66 0.84 16.96
CA CYS B 162 -21.63 1.87 16.67
C CYS B 162 -20.91 3.16 16.33
N ILE B 163 -21.33 3.80 15.25
CA ILE B 163 -20.82 5.09 14.80
C ILE B 163 -21.94 6.11 14.87
N LYS B 164 -21.63 7.32 15.34
CA LYS B 164 -22.58 8.43 15.43
C LYS B 164 -22.05 9.57 14.58
N PRO B 165 -22.48 9.67 13.32
CA PRO B 165 -21.91 10.68 12.42
C PRO B 165 -22.23 12.09 12.91
N ASP B 166 -21.38 13.05 12.48
CA ASP B 166 -21.59 14.45 12.83
C ASP B 166 -22.98 14.93 12.38
N SER B 167 -23.46 14.43 11.24
CA SER B 167 -24.73 14.85 10.68
C SER B 167 -25.94 14.17 11.29
N GLY B 168 -25.75 13.32 12.29
CA GLY B 168 -26.85 12.67 12.98
C GLY B 168 -27.02 11.21 12.59
N GLY B 169 -27.87 10.54 13.35
CA GLY B 169 -28.18 9.15 13.10
C GLY B 169 -27.24 8.21 13.83
N THR B 170 -27.51 6.93 13.62
CA THR B 170 -26.77 5.84 14.24
C THR B 170 -26.45 4.81 13.16
N ILE B 171 -25.21 4.36 13.11
CA ILE B 171 -24.79 3.30 12.21
C ILE B 171 -24.28 2.15 13.06
N TYR B 172 -24.78 0.95 12.81
CA TYR B 172 -24.28 -0.27 13.44
C TYR B 172 -23.37 -0.99 12.46
N ASN B 173 -22.21 -1.43 12.95
CA ASN B 173 -21.28 -2.24 12.18
C ASN B 173 -20.99 -3.52 12.95
N TRP B 174 -20.54 -4.54 12.22
CA TRP B 174 -20.27 -5.86 12.78
C TRP B 174 -18.94 -6.37 12.23
N PRO B 175 -17.85 -5.67 12.51
CA PRO B 175 -16.57 -6.02 11.87
C PRO B 175 -16.07 -7.41 12.21
N GLU B 176 -16.18 -7.85 13.46
CA GLU B 176 -15.67 -9.17 13.82
C GLU B 176 -16.46 -10.26 13.13
N GLN B 177 -17.79 -10.10 13.06
CA GLN B 177 -18.60 -11.07 12.33
C GLN B 177 -18.32 -11.04 10.83
N ASN B 178 -18.15 -9.83 10.26
CA ASN B 178 -17.73 -9.75 8.85
C ASN B 178 -16.48 -10.58 8.62
N TYR B 179 -15.45 -10.39 9.47
CA TYR B 179 -14.21 -11.11 9.29
C TYR B 179 -14.39 -12.62 9.47
N SER B 180 -15.05 -13.03 10.56
CA SER B 180 -15.19 -14.45 10.85
C SER B 180 -16.01 -15.18 9.80
N ASN B 181 -17.16 -14.61 9.39
CA ASN B 181 -17.98 -15.27 8.38
C ASN B 181 -17.25 -15.37 7.05
N GLY B 182 -16.47 -14.34 6.68
CA GLY B 182 -15.66 -14.44 5.48
C GLY B 182 -14.63 -15.56 5.56
N VAL B 183 -13.99 -15.71 6.73
CA VAL B 183 -13.04 -16.80 6.92
C VAL B 183 -13.75 -18.15 6.76
N ASN B 184 -14.93 -18.27 7.35
CA ASN B 184 -15.67 -19.53 7.27
C ASN B 184 -16.04 -19.88 5.83
N LYS B 185 -16.50 -18.90 5.08
CA LYS B 185 -16.86 -19.22 3.70
C LYS B 185 -15.62 -19.51 2.86
N ASN B 186 -14.49 -18.84 3.14
CA ASN B 186 -13.27 -19.17 2.42
C ASN B 186 -12.86 -20.61 2.70
N LYS B 187 -13.03 -21.06 3.95
CA LYS B 187 -12.72 -22.44 4.30
C LYS B 187 -13.64 -23.42 3.58
N SER B 188 -14.95 -23.19 3.62
CA SER B 188 -15.88 -24.10 2.97
C SER B 188 -15.78 -24.11 1.45
N THR B 189 -15.17 -23.08 0.83
CA THR B 189 -15.03 -23.04 -0.63
C THR B 189 -13.60 -23.30 -1.05
N GLY B 190 -12.74 -23.79 -0.16
CA GLY B 190 -11.35 -24.05 -0.50
C GLY B 190 -10.60 -22.83 -0.98
N ASN B 191 -10.83 -21.68 -0.35
CA ASN B 191 -10.22 -20.37 -0.58
C ASN B 191 -10.75 -19.67 -1.83
N ARG B 192 -11.72 -20.26 -2.56
CA ARG B 192 -12.17 -19.62 -3.80
C ARG B 192 -13.01 -18.38 -3.52
N PHE B 193 -13.67 -18.31 -2.35
CA PHE B 193 -14.57 -17.20 -2.07
C PHE B 193 -13.86 -15.85 -2.18
N LYS B 194 -12.76 -15.66 -1.45
CA LYS B 194 -12.12 -14.34 -1.46
C LYS B 194 -11.44 -14.05 -2.79
N LEU B 195 -10.94 -15.09 -3.46
CA LEU B 195 -10.43 -14.91 -4.81
C LEU B 195 -11.50 -14.31 -5.71
N ILE B 196 -12.73 -14.81 -5.61
CA ILE B 196 -13.78 -14.32 -6.50
C ILE B 196 -14.29 -12.95 -6.06
N VAL B 197 -14.30 -12.68 -4.75
CA VAL B 197 -14.62 -11.32 -4.31
C VAL B 197 -13.68 -10.32 -4.94
N ARG B 198 -12.37 -10.62 -4.86
CA ARG B 198 -11.40 -9.68 -5.42
C ARG B 198 -11.53 -9.59 -6.94
N ALA B 199 -11.73 -10.71 -7.61
CA ALA B 199 -11.92 -10.67 -9.07
C ALA B 199 -13.10 -9.77 -9.44
N ILE B 200 -14.23 -9.91 -8.73
CA ILE B 200 -15.40 -9.12 -9.09
C ILE B 200 -15.22 -7.65 -8.67
N LYS B 201 -14.49 -7.38 -7.58
CA LYS B 201 -14.22 -5.99 -7.22
C LYS B 201 -13.36 -5.32 -8.29
N ARG B 202 -12.36 -6.04 -8.82
CA ARG B 202 -11.56 -5.47 -9.90
C ARG B 202 -12.38 -5.32 -11.18
N LEU B 203 -13.28 -6.26 -11.44
CA LEU B 203 -14.17 -6.12 -12.60
C LEU B 203 -15.01 -4.87 -12.49
N ARG B 204 -15.57 -4.62 -11.30
CA ARG B 204 -16.32 -3.39 -11.08
C ARG B 204 -15.45 -2.15 -11.30
N ASN B 205 -14.24 -2.15 -10.74
CA ASN B 205 -13.36 -0.99 -10.92
C ASN B 205 -13.03 -0.77 -12.39
N HIS B 206 -12.78 -1.87 -13.12
CA HIS B 206 -12.51 -1.81 -14.55
C HIS B 206 -13.69 -1.19 -15.29
N LEU B 207 -14.90 -1.66 -14.99
CA LEU B 207 -16.08 -1.13 -15.68
C LEU B 207 -16.30 0.34 -15.33
N ALA B 208 -16.13 0.71 -14.06
CA ALA B 208 -16.33 2.10 -13.66
C ALA B 208 -15.31 3.01 -14.32
N GLU B 209 -14.07 2.54 -14.44
CA GLU B 209 -13.04 3.35 -15.09
C GLU B 209 -13.29 3.48 -16.59
N LYS B 210 -13.90 2.46 -17.21
CA LYS B 210 -14.29 2.54 -18.62
C LYS B 210 -15.54 3.38 -18.83
N GLY B 211 -16.13 3.92 -17.78
CA GLY B 211 -17.29 4.78 -17.93
C GLY B 211 -18.64 4.11 -17.86
N TYR B 212 -18.71 2.83 -17.49
CA TYR B 212 -20.01 2.16 -17.36
C TYR B 212 -20.71 2.68 -16.12
N ASN B 213 -21.79 3.44 -16.33
CA ASN B 213 -22.44 4.14 -15.22
C ASN B 213 -23.11 3.18 -14.23
N THR B 214 -23.49 1.99 -14.66
CA THR B 214 -24.12 1.07 -13.71
C THR B 214 -23.13 0.53 -12.70
N ALA B 215 -21.82 0.63 -12.97
CA ALA B 215 -20.80 0.16 -12.04
C ALA B 215 -20.46 1.21 -10.99
N LYS B 216 -20.75 2.48 -11.25
CA LYS B 216 -20.34 3.54 -10.34
C LYS B 216 -21.03 3.48 -8.98
N PRO B 217 -22.34 3.20 -8.89
CA PRO B 217 -22.96 3.18 -7.55
C PRO B 217 -22.85 1.85 -6.83
N ILE B 218 -21.91 0.99 -7.21
CA ILE B 218 -21.74 -0.32 -6.58
C ILE B 218 -20.47 -0.33 -5.73
N PRO B 219 -20.57 -0.16 -4.41
CA PRO B 219 -19.36 -0.08 -3.57
C PRO B 219 -18.74 -1.45 -3.28
N SER B 220 -17.47 -1.39 -2.87
CA SER B 220 -16.71 -2.60 -2.52
C SER B 220 -17.44 -3.51 -1.54
N TYR B 221 -17.86 -2.94 -0.40
CA TYR B 221 -18.42 -3.77 0.67
C TYR B 221 -19.71 -4.45 0.21
N LEU B 222 -20.49 -3.76 -0.62
CA LEU B 222 -21.70 -4.35 -1.18
C LEU B 222 -21.36 -5.58 -2.01
N MET B 223 -20.29 -5.52 -2.80
CA MET B 223 -19.90 -6.68 -3.60
C MET B 223 -19.38 -7.82 -2.73
N GLU B 224 -18.63 -7.51 -1.67
CA GLU B 224 -18.22 -8.57 -0.75
C GLU B 224 -19.44 -9.28 -0.16
N CYS B 225 -20.46 -8.51 0.26
CA CYS B 225 -21.69 -9.09 0.80
C CYS B 225 -22.40 -9.95 -0.25
N LEU B 226 -22.54 -9.42 -1.47
CA LEU B 226 -23.28 -10.15 -2.51
C LEU B 226 -22.60 -11.48 -2.83
N VAL B 227 -21.28 -11.46 -3.03
CA VAL B 227 -20.58 -12.71 -3.35
C VAL B 227 -20.68 -13.68 -2.19
N TYR B 228 -20.65 -13.17 -0.95
CA TYR B 228 -20.84 -14.05 0.21
C TYR B 228 -22.17 -14.77 0.15
N ILE B 229 -23.20 -14.11 -0.36
CA ILE B 229 -24.54 -14.72 -0.41
C ILE B 229 -24.59 -15.95 -1.32
N VAL B 230 -23.74 -16.00 -2.35
CA VAL B 230 -23.82 -17.07 -3.35
C VAL B 230 -23.48 -18.41 -2.71
N PRO B 231 -24.31 -19.45 -2.89
CA PRO B 231 -24.04 -20.75 -2.23
C PRO B 231 -22.70 -21.34 -2.64
N ASP B 232 -22.12 -22.12 -1.72
CA ASP B 232 -20.76 -22.65 -1.90
C ASP B 232 -20.63 -23.48 -3.17
N GLN B 233 -21.68 -24.19 -3.57
CA GLN B 233 -21.60 -25.08 -4.73
C GLN B 233 -21.16 -24.35 -5.98
N TYR B 234 -21.45 -23.06 -6.08
CA TYR B 234 -21.11 -22.28 -7.26
C TYR B 234 -19.65 -21.88 -7.31
N PHE B 235 -18.87 -22.16 -6.26
CA PHE B 235 -17.45 -21.82 -6.24
C PHE B 235 -16.55 -23.01 -6.55
N THR B 236 -17.12 -24.19 -6.85
CA THR B 236 -16.33 -25.37 -7.14
C THR B 236 -15.74 -25.31 -8.55
N GLY B 237 -14.79 -26.20 -8.81
CA GLY B 237 -14.22 -26.35 -10.14
C GLY B 237 -12.91 -25.61 -10.32
N ASP B 238 -12.41 -25.68 -11.56
CA ASP B 238 -11.13 -25.10 -11.93
C ASP B 238 -11.28 -23.88 -12.84
N SER B 239 -12.48 -23.33 -12.98
CA SER B 239 -12.70 -22.17 -13.84
C SER B 239 -13.19 -20.99 -12.99
N TYR B 240 -12.33 -19.99 -12.86
CA TYR B 240 -12.73 -18.76 -12.16
C TYR B 240 -13.81 -18.03 -12.96
N LYS B 241 -13.71 -18.07 -14.28
CA LYS B 241 -14.73 -17.45 -15.12
C LYS B 241 -16.10 -18.06 -14.87
N THR B 242 -16.18 -19.39 -14.78
CA THR B 242 -17.44 -20.04 -14.43
C THR B 242 -17.92 -19.62 -13.04
N ASN B 243 -17.01 -19.47 -12.08
CA ASN B 243 -17.40 -19.01 -10.76
C ASN B 243 -18.06 -17.63 -10.84
N VAL B 244 -17.42 -16.70 -11.55
CA VAL B 244 -17.98 -15.35 -11.68
C VAL B 244 -19.33 -15.40 -12.37
N GLU B 245 -19.43 -16.19 -13.45
CA GLU B 245 -20.71 -16.32 -14.13
C GLU B 245 -21.78 -16.89 -13.19
N ASN B 246 -21.42 -17.93 -12.42
CA ASN B 246 -22.34 -18.54 -11.48
C ASN B 246 -22.83 -17.51 -10.46
N CYS B 247 -21.93 -16.66 -10.00
CA CYS B 247 -22.31 -15.63 -9.03
C CYS B 247 -23.31 -14.65 -9.64
N ILE B 248 -22.99 -14.12 -10.83
CA ILE B 248 -23.89 -13.17 -11.47
C ILE B 248 -25.25 -13.79 -11.69
N ASN B 249 -25.26 -15.03 -12.21
CA ASN B 249 -26.51 -15.73 -12.51
C ASN B 249 -27.36 -15.95 -11.25
N TYR B 250 -26.77 -16.50 -10.20
CA TYR B 250 -27.50 -16.71 -8.96
C TYR B 250 -28.07 -15.40 -8.43
N LEU B 251 -27.23 -14.37 -8.34
CA LEU B 251 -27.66 -13.12 -7.73
C LEU B 251 -28.76 -12.45 -8.55
N TYR B 252 -28.60 -12.45 -9.89
CA TYR B 252 -29.63 -11.83 -10.72
C TYR B 252 -30.95 -12.56 -10.56
N ASN B 253 -30.91 -13.90 -10.50
CA ASN B 253 -32.16 -14.64 -10.46
C ASN B 253 -32.78 -14.74 -9.06
N GLN B 254 -32.04 -14.41 -8.00
CA GLN B 254 -32.59 -14.54 -6.66
C GLN B 254 -32.88 -13.21 -5.96
N ILE B 255 -32.39 -12.10 -6.50
CA ILE B 255 -32.39 -10.86 -5.72
C ILE B 255 -33.80 -10.31 -5.50
N ASP B 256 -34.72 -10.52 -6.46
CA ASP B 256 -36.03 -9.87 -6.36
C ASP B 256 -36.80 -10.32 -5.12
N SER B 257 -36.84 -11.63 -4.88
CA SER B 257 -37.61 -12.17 -3.76
C SER B 257 -36.79 -12.34 -2.48
N SER B 258 -35.54 -11.91 -2.48
CA SER B 258 -34.64 -12.17 -1.37
C SER B 258 -34.86 -11.20 -0.21
N ASP B 259 -34.48 -11.65 0.98
CA ASP B 259 -34.29 -10.76 2.13
C ASP B 259 -32.93 -11.10 2.74
N TRP B 260 -31.89 -10.73 2.01
CA TRP B 260 -30.52 -11.07 2.32
C TRP B 260 -29.97 -10.16 3.42
N THR B 261 -28.96 -10.65 4.12
CA THR B 261 -28.19 -9.86 5.07
C THR B 261 -26.82 -9.56 4.50
N GLU B 262 -26.13 -8.63 5.15
CA GLU B 262 -24.72 -8.39 4.93
C GLU B 262 -23.92 -9.62 5.31
N ILE B 263 -22.60 -9.59 5.09
CA ILE B 263 -21.78 -10.77 5.39
C ILE B 263 -21.79 -11.13 6.87
N ASN B 264 -22.06 -10.16 7.75
CA ASN B 264 -22.18 -10.45 9.18
C ASN B 264 -23.41 -11.30 9.51
N GLU B 265 -24.35 -11.44 8.58
CA GLU B 265 -25.60 -12.18 8.74
C GLU B 265 -26.48 -11.60 9.84
N ILE B 266 -26.33 -10.30 10.11
CA ILE B 266 -27.09 -9.58 11.12
C ILE B 266 -27.86 -8.42 10.51
N LYS B 267 -27.19 -7.62 9.72
CA LYS B 267 -27.76 -6.40 9.16
C LYS B 267 -28.35 -6.71 7.79
N TYR B 268 -29.57 -6.26 7.55
CA TYR B 268 -30.19 -6.50 6.24
C TYR B 268 -29.42 -5.75 5.16
N LEU B 269 -29.25 -6.41 4.00
CA LEU B 269 -28.44 -5.83 2.94
C LEU B 269 -29.15 -4.70 2.22
N PHE B 270 -30.47 -4.74 2.13
CA PHE B 270 -31.27 -3.72 1.46
C PHE B 270 -32.27 -3.11 2.43
N GLY B 271 -32.63 -1.85 2.17
CA GLY B 271 -33.55 -1.13 3.03
C GLY B 271 -33.19 0.33 3.13
N SER B 272 -33.99 1.12 3.85
CA SER B 272 -33.76 2.55 3.92
C SER B 272 -32.46 2.92 4.65
N HIS B 273 -31.86 1.99 5.38
CA HIS B 273 -30.60 2.23 6.08
C HIS B 273 -29.37 2.12 5.20
N GLN B 274 -29.53 1.73 3.94
CA GLN B 274 -28.42 1.50 3.03
C GLN B 274 -28.47 2.53 1.91
N MET B 275 -27.32 2.78 1.29
CA MET B 275 -27.28 3.73 0.18
C MET B 275 -27.47 3.07 -1.18
N TRP B 276 -27.54 1.74 -1.25
CA TRP B 276 -27.74 1.02 -2.49
C TRP B 276 -29.11 0.37 -2.50
N ASN B 277 -29.55 -0.05 -3.69
CA ASN B 277 -30.85 -0.72 -3.81
C ASN B 277 -30.76 -1.87 -4.81
N LYS B 278 -31.81 -2.70 -4.84
CA LYS B 278 -31.79 -3.89 -5.68
C LYS B 278 -31.73 -3.54 -7.17
N THR B 279 -32.36 -2.43 -7.57
CA THR B 279 -32.37 -2.06 -8.97
C THR B 279 -30.96 -1.76 -9.46
N GLN B 280 -30.21 -0.98 -8.69
CA GLN B 280 -28.81 -0.70 -9.03
C GLN B 280 -28.02 -1.98 -9.18
N VAL B 281 -28.20 -2.92 -8.24
CA VAL B 281 -27.47 -4.18 -8.27
C VAL B 281 -27.81 -4.95 -9.54
N LYS B 282 -29.10 -5.03 -9.88
CA LYS B 282 -29.51 -5.78 -11.06
C LYS B 282 -28.94 -5.17 -12.33
N GLU B 283 -28.98 -3.84 -12.43
CA GLU B 283 -28.43 -3.21 -13.63
C GLU B 283 -26.95 -3.47 -13.76
N PHE B 284 -26.22 -3.42 -12.63
CA PHE B 284 -24.80 -3.74 -12.68
C PHE B 284 -24.56 -5.19 -13.08
N LEU B 285 -25.36 -6.11 -12.53
CA LEU B 285 -25.19 -7.53 -12.87
C LEU B 285 -25.39 -7.76 -14.37
N LEU B 286 -26.41 -7.12 -14.96
CA LEU B 286 -26.62 -7.28 -16.39
C LEU B 286 -25.45 -6.70 -17.20
N THR B 287 -24.95 -5.53 -16.81
CA THR B 287 -23.78 -4.97 -17.49
C THR B 287 -22.60 -5.94 -17.43
N ALA B 288 -22.32 -6.46 -16.23
CA ALA B 288 -21.20 -7.38 -16.05
C ALA B 288 -21.39 -8.65 -16.88
N TRP B 289 -22.61 -9.19 -16.89
CA TRP B 289 -22.91 -10.39 -17.66
C TRP B 289 -22.65 -10.17 -19.15
N SER B 290 -23.07 -9.03 -19.68
CA SER B 290 -22.81 -8.76 -21.10
C SER B 290 -21.32 -8.60 -21.36
N TYR B 291 -20.63 -7.87 -20.49
CA TYR B 291 -19.26 -7.46 -20.79
C TYR B 291 -18.31 -8.66 -20.88
N ILE B 292 -18.54 -9.70 -20.09
CA ILE B 292 -17.59 -10.83 -20.03
C ILE B 292 -17.78 -11.84 -21.14
N GLN B 293 -18.78 -11.67 -21.99
CA GLN B 293 -19.00 -12.65 -23.04
C GLN B 293 -18.22 -12.26 -24.30
N LYS B 294 -17.98 -13.26 -25.14
CA LYS B 294 -17.18 -13.08 -26.34
C LYS B 294 -18.07 -13.09 -27.57
N ASN B 295 -17.78 -12.18 -28.51
CA ASN B 295 -18.47 -12.12 -29.82
C ASN B 295 -19.98 -12.00 -29.66
N LEU B 296 -20.43 -11.17 -28.73
CA LEU B 296 -21.84 -10.86 -28.62
C LEU B 296 -22.23 -9.90 -29.73
N GLU B 297 -23.32 -10.22 -30.45
CA GLU B 297 -23.73 -9.32 -31.53
C GLU B 297 -24.79 -8.31 -31.10
N HIS B 298 -25.41 -8.47 -29.93
CA HIS B 298 -26.53 -7.62 -29.57
C HIS B 298 -26.30 -6.87 -28.27
N HIS B 299 -27.05 -5.77 -28.13
CA HIS B 299 -26.89 -4.81 -27.04
C HIS B 299 -28.26 -4.25 -26.69
N HIS B 300 -28.51 -4.01 -25.41
CA HIS B 300 -29.76 -3.37 -24.99
C HIS B 300 -29.50 -2.14 -24.13
PA UTP C . 19.74 1.57 -7.65
O1A UTP C . 21.15 2.04 -7.52
O2A UTP C . 19.47 0.75 -8.90
O3A UTP C . 18.81 2.91 -7.60
O5' UTP C . 19.34 0.69 -6.29
PB UTP C . 17.49 3.26 -8.49
O1B UTP C . 16.62 4.11 -7.59
O2B UTP C . 16.79 1.98 -8.99
O3B UTP C . 18.05 4.21 -9.69
PG UTP C . 18.45 3.79 -11.20
O1G UTP C . 17.35 4.34 -12.07
O2G UTP C . 19.76 4.45 -11.49
O3G UTP C . 18.57 2.28 -11.31
C5' UTP C . 18.03 0.17 -6.18
C4' UTP C . 17.41 0.63 -4.84
O4' UTP C . 18.35 0.13 -3.71
C1' UTP C . 18.24 1.18 -2.61
C2' UTP C . 17.37 2.10 -3.08
O2' UTP C . 16.01 1.82 -2.71
C3' UTP C . 17.43 1.96 -4.69
O3' UTP C . 16.28 2.63 -5.26
N1 UTP C . 19.52 1.83 -2.38
C6 UTP C . 20.44 1.97 -3.36
C2 UTP C . 19.73 2.37 -1.15
O2 UTP C . 18.89 2.25 -0.27
N3 UTP C . 20.90 3.03 -0.90
C4 UTP C . 21.82 3.16 -1.85
O4 UTP C . 22.83 3.74 -1.60
C5 UTP C . 21.62 2.62 -3.10
PA UTP D . 26.24 -2.19 -5.44
O1A UTP D . 26.53 -1.19 -4.31
O2A UTP D . 26.53 -1.49 -6.74
O3A UTP D . 27.19 -3.57 -5.32
O5' UTP D . 24.63 -2.62 -5.35
PB UTP D . 28.85 -3.53 -5.18
PB UTP D . 26.75 -5.12 -5.77
O1B UTP D . 29.20 -3.25 -3.72
O1B UTP D . 26.65 -5.23 -7.29
O2B UTP D . 29.53 -4.95 -5.67
O2B UTP D . 27.86 -6.14 -5.14
O3B UTP D . 29.40 -2.38 -6.02
O3B UTP D . 25.46 -5.60 -5.14
C5' UTP D . 24.06 -3.39 -6.36
C4' UTP D . 22.57 -3.47 -6.16
O4' UTP D . 22.24 -3.84 -4.69
C1' UTP D . 20.86 -3.19 -4.48
C2' UTP D . 20.58 -2.51 -5.62
O2' UTP D . 19.80 -3.34 -6.49
C3' UTP D . 22.02 -2.29 -6.35
O3' UTP D . 21.83 -2.05 -7.76
N1 UTP D . 21.00 -2.35 -3.28
C6 UTP D . 22.09 -1.61 -3.04
C2 UTP D . 19.98 -2.38 -2.38
O2 UTP D . 19.02 -3.10 -2.64
N3 UTP D . 20.04 -1.64 -1.23
C4 UTP D . 21.13 -0.89 -0.99
O4 UTP D . 21.18 -0.22 0.03
C5 UTP D . 22.17 -0.87 -1.90
MG MG E . 17.86 0.73 -10.23
MG MG F . 20.49 -1.40 -9.59
PA UTP G . -14.80 0.82 2.98
O1A UTP G . -13.30 1.13 3.03
O2A UTP G . -15.60 1.73 2.12
O3A UTP G . -15.04 -0.72 2.47
O5' UTP G . -15.44 0.84 4.50
PB UTP G . -13.93 -1.88 2.17
O1B UTP G . -14.61 -3.21 2.49
O2B UTP G . -12.64 -1.71 2.98
O3B UTP G . -13.61 -1.80 0.58
PG UTP G . -12.30 -1.09 -0.08
O1G UTP G . -11.62 -0.18 0.91
O2G UTP G . -11.40 -2.27 -0.47
O3G UTP G . -12.77 -0.34 -1.30
C5' UTP G . -14.80 -0.05 5.41
C4' UTP G . -15.81 -0.95 6.06
O4' UTP G . -16.84 0.03 6.68
C1' UTP G . -18.16 -0.73 6.70
C2' UTP G . -17.87 -1.92 6.11
O2' UTP G . -17.55 -2.98 7.03
C3' UTP G . -16.53 -1.66 5.22
O3' UTP G . -15.94 -2.94 4.91
N1 UTP G . -19.11 -0.06 5.80
C6 UTP G . -18.74 0.76 4.82
C2 UTP G . -20.43 -0.38 5.95
O2 UTP G . -20.75 -1.14 6.83
N3 UTP G . -21.36 0.15 5.10
C4 UTP G . -20.98 0.99 4.14
O4 UTP G . -21.80 1.45 3.41
C5 UTP G . -19.66 1.30 3.98
PA UTP H . -17.39 8.00 4.40
O1A UTP H . -16.49 8.36 3.27
O1A UTP H . -18.79 7.56 4.10
O2A UTP H . -18.72 7.44 3.89
O2A UTP H . -17.40 9.36 5.12
O3A UTP H . -17.72 9.33 5.36
O3A UTP H . -16.48 8.18 3.03
O5' UTP H . -16.68 6.87 5.37
PB UTP H . -16.68 10.56 5.76
PB UTP H . -15.90 7.01 2.01
O1B UTP H . -15.52 10.62 4.77
O1B UTP H . -17.04 6.24 1.39
O2B UTP H . -16.14 10.42 7.19
O2B UTP H . -14.95 6.05 2.74
O3B UTP H . -17.55 11.97 5.75
O3B UTP H . -15.06 7.83 0.85
PG UTP H . -17.53 13.13 4.61
O1G UTP H . -18.75 12.94 3.75
O2G UTP H . -16.28 13.03 3.73
O3G UTP H . -17.56 14.47 5.30
C5' UTP H . -15.35 7.12 5.81
C4' UTP H . -14.87 5.83 6.46
O4' UTP H . -15.85 5.57 7.62
C1' UTP H . -15.74 4.05 7.84
C2' UTP H . -14.99 3.58 6.82
O2' UTP H . -13.61 3.38 7.24
C3' UTP H . -15.04 4.75 5.71
O3' UTP H . -13.98 4.55 4.75
N1 UTP H . -17.10 3.50 7.86
C6 UTP H . -18.05 3.95 7.02
C2 UTP H . -17.38 2.51 8.76
O2 UTP H . -16.51 2.13 9.53
N3 UTP H . -18.63 1.98 8.81
C4 UTP H . -19.58 2.43 7.98
O4 UTP H . -20.68 1.94 8.04
C5 UTP H . -19.31 3.41 7.06
MG MG I . -11.56 0.04 2.92
MG MG J . -12.17 3.21 3.77
#